data_1B78
#
_entry.id   1B78
#
_cell.length_a   44.360
_cell.length_b   72.890
_cell.length_c   141.350
_cell.angle_alpha   90.00
_cell.angle_beta   90.00
_cell.angle_gamma   90.00
#
_symmetry.space_group_name_H-M   'P 21 21 21'
#
loop_
_entity.id
_entity.type
_entity.pdbx_description
1 polymer PYROPHOSPHATASE
2 water water
#
_entity_poly.entity_id   1
_entity_poly.type   'polypeptide(L)'
_entity_poly.pdbx_seq_one_letter_code
;MQRTLGEIMKIYFATGNPNKIKEANIILKDLKDVEIEQIKISYPEIQGTLEEVAEFGAKWVYNILKKPVIVEDSGFFVEA
LNGFPGTYSKFVQETIGNEGILKLLEGKDNRNAYFKTVIGYCDENGVRLFKGIVKGRVSEEIRSKGYGFAYDSIFIPEEE
ERTFAEMTTEEKSQISHRKKAFEEFKKFLLDRI
;
_entity_poly.pdbx_strand_id   A,B
#
# COMPACT_ATOMS: atom_id res chain seq x y z
N LYS A 10 7.11 31.60 5.19
CA LYS A 10 6.64 30.83 4.06
C LYS A 10 6.86 29.32 4.22
N ILE A 11 5.77 28.55 4.11
CA ILE A 11 5.83 27.09 4.24
C ILE A 11 5.30 26.47 2.96
N TYR A 12 6.08 25.59 2.36
CA TYR A 12 5.68 24.96 1.14
C TYR A 12 4.91 23.67 1.36
N PHE A 13 4.03 23.35 0.42
CA PHE A 13 3.21 22.15 0.48
C PHE A 13 3.54 21.32 -0.76
N ALA A 14 4.19 20.18 -0.58
CA ALA A 14 4.51 19.35 -1.73
C ALA A 14 3.27 18.53 -2.12
N THR A 15 2.68 18.88 -3.26
CA THR A 15 1.50 18.19 -3.75
C THR A 15 1.18 18.64 -5.14
N GLY A 16 0.39 17.87 -5.87
CA GLY A 16 0.04 18.26 -7.23
C GLY A 16 -1.34 18.85 -7.25
N ASN A 17 -1.97 18.91 -6.09
CA ASN A 17 -3.32 19.45 -6.00
C ASN A 17 -3.37 20.88 -5.46
N PRO A 18 -3.60 21.87 -6.34
CA PRO A 18 -3.66 23.25 -5.84
C PRO A 18 -4.71 23.47 -4.74
N ASN A 19 -5.84 22.76 -4.81
CA ASN A 19 -6.92 22.93 -3.82
C ASN A 19 -6.47 22.65 -2.40
N LYS A 20 -5.44 21.84 -2.25
CA LYS A 20 -4.95 21.51 -0.92
C LYS A 20 -4.32 22.75 -0.29
N ILE A 21 -3.65 23.56 -1.10
CA ILE A 21 -3.00 24.79 -0.60
C ILE A 21 -4.07 25.83 -0.28
N LYS A 22 -5.13 25.90 -1.08
CA LYS A 22 -6.19 26.87 -0.81
C LYS A 22 -6.87 26.56 0.53
N GLU A 23 -7.22 25.29 0.75
CA GLU A 23 -7.86 24.93 2.00
C GLU A 23 -6.92 25.26 3.16
N ALA A 24 -5.64 24.92 3.03
CA ALA A 24 -4.72 25.18 4.11
C ALA A 24 -4.61 26.68 4.40
N ASN A 25 -4.52 27.50 3.35
CA ASN A 25 -4.39 28.94 3.55
C ASN A 25 -5.56 29.58 4.26
N ILE A 26 -6.76 29.11 3.99
CA ILE A 26 -7.89 29.71 4.66
C ILE A 26 -8.03 29.26 6.12
N ILE A 27 -7.67 28.02 6.43
CA ILE A 27 -7.76 27.57 7.80
C ILE A 27 -6.70 28.29 8.63
N LEU A 28 -5.68 28.75 7.93
CA LEU A 28 -4.55 29.41 8.56
C LEU A 28 -4.45 30.89 8.25
N LYS A 29 -5.42 31.46 7.54
CA LYS A 29 -5.32 32.88 7.18
C LYS A 29 -5.27 33.76 8.41
N ASP A 30 -5.74 33.23 9.53
CA ASP A 30 -5.71 33.96 10.79
C ASP A 30 -4.26 34.33 11.15
N LEU A 31 -3.29 33.51 10.76
CA LEU A 31 -1.87 33.77 11.02
C LEU A 31 -1.25 34.63 9.93
N LYS A 32 -1.25 35.93 10.14
CA LYS A 32 -0.73 36.87 9.16
C LYS A 32 0.74 36.67 8.82
N ASP A 33 1.49 36.05 9.72
CA ASP A 33 2.92 35.78 9.50
C ASP A 33 3.19 34.44 8.80
N VAL A 34 2.16 33.77 8.29
CA VAL A 34 2.36 32.49 7.62
C VAL A 34 1.59 32.37 6.30
N GLU A 35 2.28 31.88 5.28
CA GLU A 35 1.67 31.68 3.98
C GLU A 35 2.12 30.34 3.44
N ILE A 36 1.16 29.54 2.99
CA ILE A 36 1.53 28.24 2.48
C ILE A 36 1.62 28.36 0.97
N GLU A 37 2.64 27.77 0.36
CA GLU A 37 2.79 27.83 -1.06
C GLU A 37 3.04 26.46 -1.62
N GLN A 38 2.44 26.17 -2.76
CA GLN A 38 2.60 24.86 -3.38
C GLN A 38 3.99 24.72 -3.95
N ILE A 39 4.55 23.52 -3.82
CA ILE A 39 5.85 23.26 -4.42
C ILE A 39 5.68 21.93 -5.15
N LYS A 40 5.94 21.97 -6.45
CA LYS A 40 5.81 20.80 -7.28
C LYS A 40 6.97 19.84 -7.13
N ILE A 41 7.10 19.24 -5.95
CA ILE A 41 8.16 18.27 -5.67
C ILE A 41 7.50 16.94 -5.34
N SER A 42 7.76 15.93 -6.14
CA SER A 42 7.18 14.61 -5.92
C SER A 42 7.99 13.88 -4.85
N TYR A 43 7.39 12.89 -4.19
CA TYR A 43 8.10 12.14 -3.15
C TYR A 43 7.52 10.74 -3.00
N PRO A 44 8.34 9.79 -2.51
CA PRO A 44 7.79 8.45 -2.36
C PRO A 44 6.78 8.38 -1.21
N GLU A 45 5.64 7.73 -1.45
CA GLU A 45 4.62 7.51 -0.44
C GLU A 45 4.85 6.05 -0.14
N ILE A 46 5.35 5.76 1.05
CA ILE A 46 5.68 4.39 1.37
C ILE A 46 4.52 3.60 1.93
N GLN A 47 4.75 2.30 2.07
CA GLN A 47 3.75 1.42 2.62
C GLN A 47 3.92 1.46 4.15
N GLY A 48 2.83 1.72 4.87
CA GLY A 48 2.92 1.78 6.32
C GLY A 48 1.75 2.58 6.82
N THR A 49 1.82 3.10 8.04
CA THR A 49 0.72 3.90 8.55
C THR A 49 0.77 5.32 7.92
N LEU A 50 -0.29 6.09 8.10
CA LEU A 50 -0.31 7.43 7.55
C LEU A 50 0.82 8.27 8.11
N GLU A 51 1.13 8.05 9.38
CA GLU A 51 2.21 8.76 10.07
C GLU A 51 3.59 8.54 9.43
N GLU A 52 3.87 7.29 9.07
CA GLU A 52 5.14 6.89 8.41
C GLU A 52 5.23 7.47 7.01
N VAL A 53 4.09 7.48 6.29
CA VAL A 53 4.06 8.04 4.95
C VAL A 53 4.36 9.54 5.01
N ALA A 54 3.76 10.23 5.98
CA ALA A 54 3.95 11.67 6.11
C ALA A 54 5.35 12.02 6.59
N GLU A 55 5.87 11.31 7.58
CA GLU A 55 7.21 11.64 8.03
C GLU A 55 8.24 11.34 6.93
N PHE A 56 8.13 10.19 6.28
CA PHE A 56 9.05 9.85 5.22
C PHE A 56 8.95 10.89 4.10
N GLY A 57 7.71 11.23 3.74
CA GLY A 57 7.49 12.19 2.67
C GLY A 57 8.01 13.58 3.03
N ALA A 58 7.73 14.05 4.24
CA ALA A 58 8.18 15.37 4.69
C ALA A 58 9.73 15.50 4.69
N LYS A 59 10.42 14.47 5.18
CA LYS A 59 11.89 14.46 5.21
C LYS A 59 12.49 14.45 3.78
N TRP A 60 11.96 13.59 2.92
CA TRP A 60 12.42 13.48 1.53
C TRP A 60 12.37 14.84 0.86
N VAL A 61 11.23 15.51 0.95
CA VAL A 61 11.08 16.81 0.30
C VAL A 61 12.00 17.86 0.92
N TYR A 62 12.09 17.87 2.24
CA TYR A 62 12.94 18.83 2.92
C TYR A 62 14.41 18.61 2.55
N ASN A 63 14.83 17.36 2.43
CA ASN A 63 16.20 17.09 2.06
C ASN A 63 16.49 17.72 0.69
N ILE A 64 15.45 17.83 -0.15
CA ILE A 64 15.58 18.42 -1.47
C ILE A 64 15.43 19.95 -1.44
N LEU A 65 14.40 20.42 -0.76
CA LEU A 65 14.15 21.86 -0.71
C LEU A 65 15.02 22.62 0.28
N LYS A 66 15.15 22.06 1.48
CA LYS A 66 15.91 22.69 2.57
C LYS A 66 15.25 24.01 2.99
N LYS A 67 13.93 23.98 3.11
CA LYS A 67 13.10 25.12 3.51
C LYS A 67 11.89 24.50 4.21
N PRO A 68 11.25 25.21 5.16
CA PRO A 68 10.08 24.65 5.85
C PRO A 68 9.01 24.08 4.91
N VAL A 69 8.69 22.81 5.09
CA VAL A 69 7.69 22.23 4.20
C VAL A 69 6.72 21.26 4.88
N ILE A 70 5.58 21.02 4.22
CA ILE A 70 4.57 20.08 4.71
C ILE A 70 4.11 19.14 3.61
N VAL A 71 3.61 18.01 4.05
CA VAL A 71 3.09 16.97 3.18
C VAL A 71 1.85 16.44 3.94
N GLU A 72 0.93 15.77 3.26
CA GLU A 72 -0.22 15.28 4.00
C GLU A 72 -0.68 13.95 3.42
N ASP A 73 -1.20 13.09 4.29
CA ASP A 73 -1.74 11.82 3.85
C ASP A 73 -2.97 11.51 4.70
N SER A 74 -4.04 11.11 4.02
CA SER A 74 -5.31 10.76 4.63
C SER A 74 -5.77 9.36 4.23
N GLY A 75 -6.77 8.87 4.96
CA GLY A 75 -7.31 7.55 4.69
C GLY A 75 -8.64 7.33 5.38
N PHE A 76 -9.33 6.30 4.89
CA PHE A 76 -10.63 5.84 5.37
C PHE A 76 -10.43 4.47 6.07
N PHE A 77 -10.87 4.36 7.33
CA PHE A 77 -10.70 3.15 8.12
C PHE A 77 -12.03 2.54 8.55
N VAL A 78 -12.25 1.28 8.19
CA VAL A 78 -13.48 0.60 8.54
C VAL A 78 -13.17 -0.43 9.62
N GLU A 79 -13.82 -0.29 10.78
CA GLU A 79 -13.63 -1.17 11.93
C GLU A 79 -13.80 -2.65 11.64
N ALA A 80 -14.95 -3.03 11.12
CA ALA A 80 -15.18 -4.43 10.84
C ALA A 80 -14.17 -4.97 9.82
N LEU A 81 -13.47 -4.09 9.14
CA LEU A 81 -12.52 -4.50 8.12
C LEU A 81 -11.11 -4.38 8.63
N ASN A 82 -10.99 -4.32 9.96
CA ASN A 82 -9.70 -4.20 10.65
C ASN A 82 -8.87 -3.00 10.22
N GLY A 83 -9.50 -1.86 9.97
CA GLY A 83 -8.76 -0.68 9.56
C GLY A 83 -8.62 -0.51 8.05
N PHE A 84 -8.92 -1.55 7.27
CA PHE A 84 -8.88 -1.49 5.81
C PHE A 84 -9.97 -0.51 5.37
N PRO A 85 -9.75 0.26 4.27
CA PRO A 85 -8.59 0.34 3.36
C PRO A 85 -7.36 1.09 3.90
N GLY A 86 -7.59 2.04 4.81
CA GLY A 86 -6.50 2.78 5.42
C GLY A 86 -5.61 3.63 4.54
N THR A 87 -4.29 3.38 4.57
CA THR A 87 -3.39 4.20 3.74
C THR A 87 -3.47 3.86 2.25
N TYR A 88 -4.10 2.73 1.95
CA TYR A 88 -4.29 2.28 0.58
C TYR A 88 -5.70 2.64 0.10
N SER A 89 -6.25 3.69 0.72
CA SER A 89 -7.58 4.20 0.40
C SER A 89 -7.80 4.51 -1.10
N LYS A 90 -6.87 5.24 -1.71
CA LYS A 90 -7.02 5.58 -3.14
C LYS A 90 -7.05 4.35 -4.03
N PHE A 91 -6.06 3.49 -3.83
CA PHE A 91 -5.96 2.27 -4.59
C PHE A 91 -7.26 1.45 -4.53
N VAL A 92 -7.74 1.21 -3.32
CA VAL A 92 -8.95 0.40 -3.10
C VAL A 92 -10.20 1.06 -3.70
N GLN A 93 -10.22 2.40 -3.70
CA GLN A 93 -11.36 3.08 -4.26
C GLN A 93 -11.40 2.83 -5.77
N GLU A 94 -10.24 2.82 -6.42
CA GLU A 94 -10.19 2.63 -7.87
C GLU A 94 -10.35 1.18 -8.31
N THR A 95 -10.03 0.24 -7.42
CA THR A 95 -10.13 -1.17 -7.77
C THR A 95 -11.47 -1.77 -7.43
N ILE A 96 -11.95 -1.56 -6.20
CA ILE A 96 -13.23 -2.12 -5.81
C ILE A 96 -14.28 -1.08 -5.40
N GLY A 97 -13.84 0.17 -5.21
CA GLY A 97 -14.73 1.29 -4.88
C GLY A 97 -15.65 1.21 -3.69
N ASN A 98 -16.67 2.08 -3.65
CA ASN A 98 -17.66 2.06 -2.54
C ASN A 98 -18.52 0.78 -2.59
N GLU A 99 -18.74 0.22 -3.78
CA GLU A 99 -19.56 -1.01 -3.86
C GLU A 99 -18.80 -2.15 -3.18
N GLY A 100 -17.49 -2.17 -3.34
CA GLY A 100 -16.68 -3.20 -2.70
C GLY A 100 -16.75 -3.08 -1.19
N ILE A 101 -16.75 -1.86 -0.66
CA ILE A 101 -16.82 -1.67 0.80
C ILE A 101 -18.18 -2.16 1.31
N LEU A 102 -19.24 -1.81 0.58
CA LEU A 102 -20.59 -2.21 0.98
C LEU A 102 -20.72 -3.72 0.93
N LYS A 103 -20.20 -4.34 -0.12
CA LYS A 103 -20.24 -5.79 -0.21
C LYS A 103 -19.48 -6.37 0.99
N LEU A 104 -18.27 -5.85 1.25
CA LEU A 104 -17.46 -6.31 2.38
C LEU A 104 -18.18 -6.22 3.74
N LEU A 105 -18.96 -5.17 3.92
CA LEU A 105 -19.68 -4.95 5.18
C LEU A 105 -21.05 -5.58 5.27
N GLU A 106 -21.45 -6.26 4.20
CA GLU A 106 -22.74 -6.93 4.14
C GLU A 106 -22.94 -7.85 5.36
N GLY A 107 -24.03 -7.62 6.09
CA GLY A 107 -24.31 -8.43 7.27
C GLY A 107 -23.41 -8.16 8.47
N LYS A 108 -22.62 -7.10 8.41
CA LYS A 108 -21.75 -6.78 9.52
C LYS A 108 -22.54 -5.90 10.47
N ASP A 109 -22.50 -6.22 11.77
CA ASP A 109 -23.23 -5.46 12.78
C ASP A 109 -22.54 -4.13 13.07
N ASN A 110 -21.21 -4.18 13.12
CA ASN A 110 -20.39 -3.01 13.37
C ASN A 110 -20.10 -2.32 12.03
N ARG A 111 -20.68 -1.15 11.83
CA ARG A 111 -20.46 -0.41 10.60
C ARG A 111 -19.64 0.86 10.87
N ASN A 112 -19.03 0.94 12.06
CA ASN A 112 -18.22 2.09 12.45
C ASN A 112 -16.98 2.27 11.58
N ALA A 113 -16.62 3.51 11.33
CA ALA A 113 -15.47 3.85 10.51
C ALA A 113 -15.01 5.25 10.89
N TYR A 114 -13.90 5.68 10.32
CA TYR A 114 -13.38 7.01 10.56
C TYR A 114 -12.46 7.46 9.42
N PHE A 115 -12.26 8.77 9.28
CA PHE A 115 -11.35 9.31 8.30
C PHE A 115 -10.23 9.93 9.16
N LYS A 116 -9.03 9.97 8.63
CA LYS A 116 -7.90 10.51 9.37
C LYS A 116 -6.97 11.22 8.41
N THR A 117 -6.36 12.31 8.87
CA THR A 117 -5.42 13.05 8.05
C THR A 117 -4.18 13.27 8.91
N VAL A 118 -3.01 13.08 8.30
CA VAL A 118 -1.78 13.31 9.02
C VAL A 118 -0.96 14.24 8.16
N ILE A 119 -0.61 15.38 8.75
CA ILE A 119 0.20 16.38 8.08
C ILE A 119 1.65 16.13 8.50
N GLY A 120 2.58 16.11 7.54
CA GLY A 120 3.97 15.92 7.90
C GLY A 120 4.71 17.25 7.71
N TYR A 121 5.26 17.81 8.80
CA TYR A 121 6.00 19.09 8.68
C TYR A 121 7.49 18.84 8.90
N CYS A 122 8.34 19.58 8.21
CA CYS A 122 9.79 19.42 8.38
C CYS A 122 10.57 20.67 8.05
N ASP A 123 11.49 21.00 8.95
CA ASP A 123 12.35 22.13 8.74
C ASP A 123 13.71 21.76 9.27
N GLU A 124 14.53 22.77 9.48
CA GLU A 124 15.88 22.59 9.98
C GLU A 124 15.87 21.73 11.25
N ASN A 125 14.85 21.91 12.06
CA ASN A 125 14.74 21.17 13.31
C ASN A 125 14.12 19.77 13.28
N GLY A 126 13.74 19.26 12.12
CA GLY A 126 13.15 17.94 12.14
C GLY A 126 11.68 17.87 11.76
N VAL A 127 11.13 16.66 11.80
CA VAL A 127 9.74 16.40 11.43
C VAL A 127 8.80 16.45 12.63
N ARG A 128 7.60 16.98 12.39
CA ARG A 128 6.55 17.08 13.39
C ARG A 128 5.26 16.63 12.69
N LEU A 129 4.47 15.79 13.35
CA LEU A 129 3.22 15.27 12.79
C LEU A 129 2.02 15.93 13.45
N PHE A 130 0.99 16.21 12.65
CA PHE A 130 -0.23 16.83 13.15
C PHE A 130 -1.38 16.00 12.64
N LYS A 131 -2.28 15.65 13.56
CA LYS A 131 -3.40 14.78 13.19
C LYS A 131 -4.79 15.31 13.41
N GLY A 132 -5.70 14.80 12.58
CA GLY A 132 -7.10 15.13 12.70
C GLY A 132 -7.89 13.89 12.34
N ILE A 133 -8.93 13.60 13.12
CA ILE A 133 -9.78 12.44 12.86
C ILE A 133 -11.27 12.78 13.02
N VAL A 134 -12.12 12.00 12.34
CA VAL A 134 -13.55 12.15 12.47
C VAL A 134 -14.13 10.75 12.34
N LYS A 135 -14.73 10.32 13.45
CA LYS A 135 -15.32 9.00 13.55
C LYS A 135 -16.77 9.05 13.09
N GLY A 136 -17.27 7.90 12.67
CA GLY A 136 -18.63 7.82 12.21
C GLY A 136 -19.02 6.40 11.90
N ARG A 137 -19.83 6.25 10.86
CA ARG A 137 -20.29 4.92 10.51
C ARG A 137 -20.61 4.84 9.04
N VAL A 138 -20.64 3.63 8.54
CA VAL A 138 -20.93 3.42 7.12
C VAL A 138 -22.41 3.20 6.80
N SER A 139 -22.97 4.02 5.92
CA SER A 139 -24.35 3.82 5.51
C SER A 139 -24.46 2.44 4.83
N GLU A 140 -25.66 1.91 4.80
CA GLU A 140 -25.90 0.62 4.18
C GLU A 140 -26.04 0.73 2.68
N GLU A 141 -26.02 1.98 2.20
CA GLU A 141 -26.12 2.25 0.77
C GLU A 141 -25.57 3.64 0.41
N ILE A 142 -25.39 3.87 -0.88
CA ILE A 142 -24.88 5.14 -1.35
C ILE A 142 -25.94 6.24 -1.21
N ARG A 143 -25.55 7.32 -0.55
CA ARG A 143 -26.45 8.46 -0.38
C ARG A 143 -25.59 9.67 -0.76
N SER A 144 -26.05 10.42 -1.75
CA SER A 144 -25.29 11.58 -2.20
C SER A 144 -26.16 12.65 -2.83
N LYS A 145 -25.73 13.90 -2.68
CA LYS A 145 -26.45 15.03 -3.26
C LYS A 145 -25.48 15.74 -4.22
N GLY A 146 -24.43 15.01 -4.60
CA GLY A 146 -23.40 15.53 -5.48
C GLY A 146 -22.32 16.30 -4.75
N TYR A 147 -22.12 16.03 -3.46
CA TYR A 147 -21.13 16.79 -2.70
C TYR A 147 -19.81 16.13 -2.33
N GLY A 148 -19.61 14.85 -2.61
CA GLY A 148 -18.32 14.29 -2.18
C GLY A 148 -17.36 13.72 -3.18
N PHE A 149 -16.34 13.05 -2.63
CA PHE A 149 -15.31 12.37 -3.42
C PHE A 149 -15.38 10.95 -2.86
N ALA A 150 -15.24 9.95 -3.72
CA ALA A 150 -15.19 8.57 -3.28
C ALA A 150 -16.06 8.12 -2.12
N TYR A 151 -15.43 7.68 -1.04
CA TYR A 151 -16.11 7.15 0.14
C TYR A 151 -17.10 8.06 0.82
N ASP A 152 -17.12 9.33 0.43
CA ASP A 152 -18.02 10.31 1.04
C ASP A 152 -19.48 9.96 0.94
N SER A 153 -19.85 9.12 -0.03
CA SER A 153 -21.25 8.76 -0.22
C SER A 153 -21.70 7.59 0.65
N ILE A 154 -20.80 7.07 1.47
CA ILE A 154 -21.14 5.98 2.36
C ILE A 154 -20.69 6.26 3.79
N PHE A 155 -20.19 7.46 4.05
CA PHE A 155 -19.73 7.80 5.41
C PHE A 155 -20.60 8.82 6.10
N ILE A 156 -21.16 8.43 7.25
CA ILE A 156 -21.99 9.31 8.06
C ILE A 156 -21.16 9.75 9.28
N PRO A 157 -20.84 11.06 9.36
CA PRO A 157 -20.06 11.57 10.47
C PRO A 157 -20.78 11.74 11.79
N GLU A 158 -20.06 11.41 12.87
CA GLU A 158 -20.53 11.54 14.22
C GLU A 158 -22.03 11.34 14.49
N GLU A 159 -22.76 12.42 14.79
CA GLU A 159 -24.19 12.35 15.13
C GLU A 159 -25.12 12.67 13.99
N GLU A 160 -24.56 12.84 12.80
CA GLU A 160 -25.35 13.16 11.64
C GLU A 160 -26.20 11.97 11.20
N GLU A 161 -27.12 12.20 10.27
CA GLU A 161 -27.88 11.10 9.68
C GLU A 161 -27.66 11.16 8.16
N ARG A 162 -26.92 12.18 7.71
CA ARG A 162 -26.57 12.33 6.30
C ARG A 162 -25.10 11.93 6.11
N THR A 163 -24.75 11.47 4.91
CA THR A 163 -23.36 11.10 4.63
C THR A 163 -22.63 12.37 4.17
N PHE A 164 -21.30 12.34 4.16
CA PHE A 164 -20.49 13.49 3.70
C PHE A 164 -20.96 13.99 2.30
N ALA A 165 -21.36 13.07 1.43
CA ALA A 165 -21.80 13.44 0.07
C ALA A 165 -23.20 14.07 0.01
N GLU A 166 -23.88 14.15 1.15
CA GLU A 166 -25.20 14.79 1.29
C GLU A 166 -25.03 16.15 2.04
N MET A 167 -23.78 16.47 2.39
CA MET A 167 -23.46 17.67 3.13
C MET A 167 -22.65 18.65 2.28
N THR A 168 -22.89 19.94 2.49
CA THR A 168 -22.20 21.01 1.78
C THR A 168 -20.82 21.20 2.40
N THR A 169 -19.97 21.92 1.71
CA THR A 169 -18.63 22.20 2.18
C THR A 169 -18.65 22.88 3.54
N GLU A 170 -19.59 23.79 3.73
CA GLU A 170 -19.67 24.52 4.98
C GLU A 170 -20.17 23.64 6.12
N GLU A 171 -21.03 22.67 5.80
CA GLU A 171 -21.57 21.77 6.81
C GLU A 171 -20.52 20.82 7.33
N LYS A 172 -19.48 20.59 6.53
CA LYS A 172 -18.40 19.69 6.91
C LYS A 172 -17.14 20.44 7.33
N SER A 173 -17.18 21.77 7.18
CA SER A 173 -16.05 22.65 7.47
C SER A 173 -15.37 22.60 8.84
N GLN A 174 -16.14 22.34 9.90
CA GLN A 174 -15.58 22.29 11.26
C GLN A 174 -15.31 20.88 11.82
N ILE A 175 -16.00 19.88 11.28
CA ILE A 175 -15.91 18.50 11.75
C ILE A 175 -14.93 17.56 11.03
N SER A 176 -14.50 17.93 9.84
CA SER A 176 -13.62 17.04 9.10
C SER A 176 -12.26 16.80 9.69
N HIS A 177 -11.74 15.63 9.32
CA HIS A 177 -10.42 15.15 9.69
C HIS A 177 -9.36 16.12 9.18
N ARG A 178 -9.61 16.66 7.98
CA ARG A 178 -8.72 17.62 7.33
C ARG A 178 -8.68 18.92 8.14
N LYS A 179 -9.86 19.42 8.51
CA LYS A 179 -9.93 20.67 9.28
C LYS A 179 -9.22 20.50 10.61
N LYS A 180 -9.51 19.39 11.29
CA LYS A 180 -8.92 19.11 12.58
C LYS A 180 -7.41 18.98 12.56
N ALA A 181 -6.85 18.47 11.46
CA ALA A 181 -5.39 18.28 11.35
C ALA A 181 -4.67 19.60 11.15
N PHE A 182 -5.26 20.49 10.35
CA PHE A 182 -4.66 21.80 10.12
C PHE A 182 -4.80 22.67 11.36
N GLU A 183 -5.83 22.40 12.19
CA GLU A 183 -6.00 23.19 13.42
C GLU A 183 -4.90 22.77 14.42
N GLU A 184 -4.53 21.49 14.42
CA GLU A 184 -3.46 20.98 15.28
C GLU A 184 -2.16 21.64 14.79
N PHE A 185 -2.02 21.77 13.47
CA PHE A 185 -0.86 22.41 12.83
C PHE A 185 -0.77 23.93 13.16
N LYS A 186 -1.91 24.59 13.12
CA LYS A 186 -1.97 26.02 13.41
C LYS A 186 -1.63 26.29 14.88
N LYS A 187 -2.01 25.36 15.75
CA LYS A 187 -1.73 25.47 17.17
C LYS A 187 -0.22 25.48 17.32
N PHE A 188 0.45 24.58 16.61
CA PHE A 188 1.91 24.49 16.63
C PHE A 188 2.53 25.81 16.11
N LEU A 189 1.97 26.32 15.01
CA LEU A 189 2.47 27.57 14.43
C LEU A 189 2.28 28.74 15.39
N LEU A 190 1.11 28.83 16.01
CA LEU A 190 0.81 29.93 16.92
C LEU A 190 1.63 29.87 18.20
N ASP A 191 1.96 28.67 18.65
CA ASP A 191 2.75 28.51 19.87
C ASP A 191 4.24 28.52 19.55
N ARG A 192 4.58 28.79 18.30
CA ARG A 192 5.96 28.82 17.87
C ARG A 192 6.79 29.67 18.81
N ILE A 193 8.11 29.52 18.69
CA ILE A 193 9.07 30.26 19.52
C ILE A 193 9.98 31.11 18.63
N LYS B 10 29.75 -12.41 -2.42
CA LYS B 10 28.60 -13.08 -3.00
C LYS B 10 27.42 -12.15 -3.22
N ILE B 11 26.24 -12.74 -3.36
CA ILE B 11 25.02 -11.95 -3.58
C ILE B 11 24.14 -12.06 -2.35
N TYR B 12 23.85 -10.92 -1.74
CA TYR B 12 23.04 -10.86 -0.54
C TYR B 12 21.54 -10.69 -0.79
N PHE B 13 20.74 -11.30 0.08
CA PHE B 13 19.30 -11.24 -0.05
C PHE B 13 18.78 -10.47 1.15
N ALA B 14 18.29 -9.27 0.88
CA ALA B 14 17.74 -8.42 1.93
C ALA B 14 16.32 -8.90 2.23
N THR B 15 16.23 -9.81 3.19
CA THR B 15 14.96 -10.39 3.64
C THR B 15 15.09 -10.87 5.08
N GLY B 16 13.96 -10.90 5.78
CA GLY B 16 13.98 -11.37 7.15
C GLY B 16 13.58 -12.84 7.16
N ASN B 17 13.17 -13.34 5.98
CA ASN B 17 12.75 -14.74 5.86
C ASN B 17 13.87 -15.62 5.31
N PRO B 18 14.51 -16.42 6.19
CA PRO B 18 15.60 -17.30 5.76
C PRO B 18 15.14 -18.43 4.85
N ASN B 19 13.83 -18.64 4.84
CA ASN B 19 13.24 -19.68 4.01
C ASN B 19 13.34 -19.28 2.53
N LYS B 20 13.49 -17.99 2.29
CA LYS B 20 13.60 -17.47 0.93
C LYS B 20 14.98 -17.69 0.35
N ILE B 21 16.01 -17.60 1.19
CA ILE B 21 17.36 -17.82 0.69
C ILE B 21 17.62 -19.33 0.61
N LYS B 22 16.82 -20.09 1.34
CA LYS B 22 16.90 -21.55 1.33
C LYS B 22 16.36 -21.98 -0.02
N GLU B 23 15.28 -21.34 -0.44
CA GLU B 23 14.67 -21.64 -1.73
C GLU B 23 15.53 -21.21 -2.92
N ALA B 24 16.14 -20.03 -2.81
CA ALA B 24 16.98 -19.51 -3.88
C ALA B 24 18.24 -20.34 -4.12
N ASN B 25 19.04 -20.54 -3.08
CA ASN B 25 20.27 -21.30 -3.20
C ASN B 25 20.01 -22.67 -3.87
N ILE B 26 18.84 -23.25 -3.64
CA ILE B 26 18.49 -24.53 -4.24
C ILE B 26 18.35 -24.33 -5.75
N ILE B 27 17.48 -23.40 -6.14
CA ILE B 27 17.26 -23.11 -7.54
C ILE B 27 18.57 -22.73 -8.24
N LEU B 28 19.48 -22.13 -7.50
CA LEU B 28 20.77 -21.72 -8.06
C LEU B 28 21.85 -22.72 -7.68
N LYS B 29 21.42 -23.96 -7.44
CA LYS B 29 22.29 -25.08 -7.02
C LYS B 29 23.47 -25.47 -7.92
N ASP B 30 23.23 -25.60 -9.21
CA ASP B 30 24.25 -26.01 -10.17
C ASP B 30 25.26 -24.92 -10.47
N LEU B 31 24.78 -23.68 -10.49
CA LEU B 31 25.63 -22.54 -10.78
C LEU B 31 26.77 -22.53 -9.79
N LYS B 32 27.98 -22.75 -10.30
CA LYS B 32 29.21 -22.78 -9.49
C LYS B 32 29.32 -21.60 -8.54
N ASP B 33 28.47 -20.61 -8.76
CA ASP B 33 28.42 -19.40 -7.93
C ASP B 33 27.48 -19.59 -6.75
N VAL B 34 26.88 -20.78 -6.69
CA VAL B 34 25.94 -21.15 -5.64
C VAL B 34 26.18 -20.46 -4.31
N GLU B 35 25.70 -19.23 -4.17
CA GLU B 35 25.88 -18.54 -2.92
C GLU B 35 25.04 -17.29 -2.69
N ILE B 36 23.81 -17.49 -2.26
CA ILE B 36 22.92 -16.39 -1.92
C ILE B 36 22.99 -16.35 -0.39
N GLU B 37 23.19 -15.17 0.17
CA GLU B 37 23.30 -15.06 1.61
C GLU B 37 22.37 -14.00 2.20
N GLN B 38 21.58 -14.39 3.19
CA GLN B 38 20.66 -13.46 3.81
C GLN B 38 21.39 -12.31 4.47
N ILE B 39 20.81 -11.13 4.38
CA ILE B 39 21.35 -9.95 5.05
C ILE B 39 20.16 -9.15 5.55
N LYS B 40 20.15 -8.89 6.84
CA LYS B 40 19.10 -8.17 7.54
C LYS B 40 19.11 -6.66 7.38
N ILE B 41 18.92 -6.19 6.16
CA ILE B 41 18.85 -4.76 5.91
C ILE B 41 17.39 -4.48 5.48
N SER B 42 16.71 -3.61 6.21
CA SER B 42 15.34 -3.25 5.90
C SER B 42 15.34 -2.18 4.81
N TYR B 43 14.23 -2.03 4.12
CA TYR B 43 14.13 -0.97 3.13
C TYR B 43 12.69 -0.55 3.01
N PRO B 44 12.46 0.71 2.64
CA PRO B 44 11.08 1.15 2.47
C PRO B 44 10.47 0.43 1.25
N GLU B 45 9.21 0.04 1.38
CA GLU B 45 8.48 -0.64 0.32
C GLU B 45 7.51 0.43 -0.09
N ILE B 46 7.76 1.03 -1.23
CA ILE B 46 6.92 2.13 -1.67
C ILE B 46 5.64 1.64 -2.28
N GLN B 47 4.65 2.53 -2.35
CA GLN B 47 3.40 2.18 -2.96
C GLN B 47 3.71 2.27 -4.45
N GLY B 48 3.35 1.24 -5.21
CA GLY B 48 3.60 1.26 -6.63
C GLY B 48 3.38 -0.13 -7.16
N THR B 49 3.97 -0.45 -8.31
CA THR B 49 3.85 -1.80 -8.86
C THR B 49 4.94 -2.63 -8.19
N LEU B 50 4.86 -3.94 -8.34
CA LEU B 50 5.87 -4.83 -7.78
C LEU B 50 7.26 -4.41 -8.27
N GLU B 51 7.37 -4.12 -9.57
CA GLU B 51 8.64 -3.70 -10.17
C GLU B 51 9.20 -2.43 -9.49
N GLU B 52 8.32 -1.45 -9.28
CA GLU B 52 8.73 -0.20 -8.63
C GLU B 52 9.21 -0.48 -7.22
N VAL B 53 8.49 -1.36 -6.53
CA VAL B 53 8.87 -1.72 -5.19
C VAL B 53 10.25 -2.34 -5.22
N ALA B 54 10.39 -3.42 -5.98
CA ALA B 54 11.67 -4.11 -6.05
C ALA B 54 12.82 -3.22 -6.57
N GLU B 55 12.53 -2.28 -7.46
CA GLU B 55 13.59 -1.42 -7.98
C GLU B 55 14.09 -0.39 -6.99
N PHE B 56 13.17 0.29 -6.32
CA PHE B 56 13.52 1.28 -5.30
C PHE B 56 14.24 0.57 -4.15
N GLY B 57 13.70 -0.59 -3.76
CA GLY B 57 14.28 -1.35 -2.65
C GLY B 57 15.71 -1.85 -2.88
N ALA B 58 15.98 -2.45 -4.04
CA ALA B 58 17.33 -2.96 -4.34
C ALA B 58 18.33 -1.81 -4.30
N LYS B 59 17.98 -0.70 -4.94
CA LYS B 59 18.82 0.48 -4.95
C LYS B 59 19.05 0.95 -3.51
N TRP B 60 17.99 0.97 -2.71
CA TRP B 60 18.09 1.39 -1.32
C TRP B 60 19.06 0.53 -0.48
N VAL B 61 18.99 -0.80 -0.63
CA VAL B 61 19.83 -1.70 0.13
C VAL B 61 21.28 -1.66 -0.37
N TYR B 62 21.45 -1.60 -1.70
CA TYR B 62 22.78 -1.53 -2.27
C TYR B 62 23.50 -0.29 -1.74
N ASN B 63 22.81 0.85 -1.73
CA ASN B 63 23.37 2.11 -1.23
C ASN B 63 23.95 1.97 0.18
N ILE B 64 23.41 1.04 0.96
CA ILE B 64 23.89 0.79 2.32
C ILE B 64 25.01 -0.25 2.29
N LEU B 65 24.72 -1.41 1.69
CA LEU B 65 25.68 -2.51 1.62
C LEU B 65 26.84 -2.29 0.63
N LYS B 66 26.52 -1.79 -0.55
CA LYS B 66 27.52 -1.54 -1.56
C LYS B 66 28.10 -2.83 -2.10
N LYS B 67 27.29 -3.90 -2.07
CA LYS B 67 27.69 -5.21 -2.59
C LYS B 67 26.46 -5.81 -3.26
N PRO B 68 26.66 -6.54 -4.39
CA PRO B 68 25.54 -7.15 -5.13
C PRO B 68 24.42 -7.62 -4.21
N VAL B 69 23.20 -7.10 -4.43
CA VAL B 69 22.06 -7.47 -3.60
C VAL B 69 20.81 -7.74 -4.39
N ILE B 70 19.93 -8.52 -3.80
CA ILE B 70 18.64 -8.80 -4.40
C ILE B 70 17.58 -8.59 -3.31
N VAL B 71 16.36 -8.24 -3.73
CA VAL B 71 15.23 -8.03 -2.86
C VAL B 71 14.11 -8.65 -3.70
N GLU B 72 12.94 -8.81 -3.12
CA GLU B 72 11.85 -9.44 -3.88
C GLU B 72 10.51 -8.98 -3.36
N ASP B 73 9.52 -8.98 -4.25
CA ASP B 73 8.17 -8.62 -3.87
C ASP B 73 7.18 -9.40 -4.72
N SER B 74 6.16 -9.97 -4.08
CA SER B 74 5.14 -10.78 -4.76
C SER B 74 3.75 -10.29 -4.46
N GLY B 75 2.78 -10.69 -5.29
CA GLY B 75 1.41 -10.26 -5.09
C GLY B 75 0.38 -11.15 -5.75
N PHE B 76 -0.84 -11.07 -5.25
CA PHE B 76 -1.98 -11.84 -5.77
C PHE B 76 -2.87 -10.81 -6.48
N PHE B 77 -3.16 -11.04 -7.75
CA PHE B 77 -3.94 -10.08 -8.52
C PHE B 77 -5.19 -10.71 -9.07
N VAL B 78 -6.35 -10.29 -8.62
CA VAL B 78 -7.54 -10.87 -9.19
C VAL B 78 -8.20 -9.96 -10.22
N GLU B 79 -8.38 -10.55 -11.40
CA GLU B 79 -8.94 -9.87 -12.55
C GLU B 79 -10.22 -9.08 -12.38
N ALA B 80 -11.26 -9.72 -11.87
CA ALA B 80 -12.55 -9.07 -11.68
C ALA B 80 -12.51 -7.91 -10.69
N LEU B 81 -11.48 -7.87 -9.86
CA LEU B 81 -11.33 -6.79 -8.87
C LEU B 81 -10.25 -5.83 -9.34
N ASN B 82 -10.00 -5.81 -10.65
CA ASN B 82 -9.02 -4.93 -11.25
C ASN B 82 -7.56 -5.07 -10.75
N GLY B 83 -7.13 -6.27 -10.41
CA GLY B 83 -5.76 -6.43 -9.95
C GLY B 83 -5.57 -6.34 -8.45
N PHE B 84 -6.62 -6.01 -7.72
CA PHE B 84 -6.60 -5.92 -6.26
C PHE B 84 -6.45 -7.37 -5.79
N PRO B 85 -5.71 -7.62 -4.70
CA PRO B 85 -4.95 -6.69 -3.84
C PRO B 85 -3.56 -6.25 -4.35
N GLY B 86 -3.05 -6.93 -5.36
CA GLY B 86 -1.75 -6.60 -5.92
C GLY B 86 -0.57 -6.45 -4.95
N THR B 87 0.16 -5.35 -5.05
CA THR B 87 1.30 -5.14 -4.17
C THR B 87 0.89 -4.96 -2.70
N TYR B 88 -0.40 -4.75 -2.46
CA TYR B 88 -0.87 -4.62 -1.09
C TYR B 88 -1.52 -5.93 -0.61
N SER B 89 -1.10 -7.06 -1.19
CA SER B 89 -1.62 -8.40 -0.83
C SER B 89 -1.49 -8.79 0.65
N LYS B 90 -0.36 -8.51 1.28
CA LYS B 90 -0.18 -8.86 2.70
C LYS B 90 -1.13 -8.09 3.63
N PHE B 91 -1.20 -6.77 3.44
CA PHE B 91 -2.10 -5.92 4.23
C PHE B 91 -3.57 -6.38 4.07
N VAL B 92 -3.95 -6.66 2.83
CA VAL B 92 -5.31 -7.11 2.52
C VAL B 92 -5.56 -8.50 3.12
N GLN B 93 -4.56 -9.38 3.05
CA GLN B 93 -4.75 -10.69 3.62
C GLN B 93 -4.96 -10.56 5.14
N GLU B 94 -4.19 -9.70 5.79
CA GLU B 94 -4.35 -9.60 7.23
C GLU B 94 -5.56 -8.80 7.68
N THR B 95 -6.10 -7.96 6.80
CA THR B 95 -7.26 -7.16 7.16
C THR B 95 -8.61 -7.81 6.79
N ILE B 96 -8.79 -8.21 5.53
CA ILE B 96 -10.08 -8.82 5.15
C ILE B 96 -9.97 -10.32 4.86
N GLY B 97 -8.75 -10.81 4.70
CA GLY B 97 -8.53 -12.23 4.47
C GLY B 97 -9.01 -12.85 3.16
N ASN B 98 -8.98 -14.18 3.12
CA ASN B 98 -9.42 -14.90 1.93
C ASN B 98 -10.94 -14.78 1.82
N GLU B 99 -11.57 -14.73 2.98
CA GLU B 99 -13.01 -14.60 3.10
C GLU B 99 -13.45 -13.29 2.45
N GLY B 100 -12.64 -12.25 2.66
CA GLY B 100 -12.94 -10.95 2.10
C GLY B 100 -12.87 -11.02 0.58
N ILE B 101 -11.87 -11.71 0.03
CA ILE B 101 -11.81 -11.80 -1.42
C ILE B 101 -12.96 -12.63 -2.01
N LEU B 102 -13.39 -13.66 -1.29
CA LEU B 102 -14.48 -14.52 -1.76
C LEU B 102 -15.79 -13.72 -1.78
N LYS B 103 -15.97 -12.92 -0.73
CA LYS B 103 -17.12 -12.04 -0.57
C LYS B 103 -17.22 -11.11 -1.80
N LEU B 104 -16.08 -10.54 -2.15
CA LEU B 104 -15.92 -9.62 -3.27
C LEU B 104 -16.23 -10.29 -4.59
N LEU B 105 -15.91 -11.58 -4.68
CA LEU B 105 -16.12 -12.31 -5.94
C LEU B 105 -17.49 -12.98 -6.03
N GLU B 106 -18.27 -12.98 -4.97
CA GLU B 106 -19.60 -13.60 -4.99
C GLU B 106 -20.37 -13.24 -6.25
N GLY B 107 -21.03 -14.24 -6.85
CA GLY B 107 -21.80 -14.00 -8.05
C GLY B 107 -20.96 -13.45 -9.18
N LYS B 108 -19.66 -13.67 -9.12
CA LYS B 108 -18.75 -13.21 -10.15
C LYS B 108 -18.26 -14.46 -10.88
N ASP B 109 -18.50 -14.53 -12.18
CA ASP B 109 -18.06 -15.70 -12.92
C ASP B 109 -16.61 -15.57 -13.40
N ASN B 110 -16.16 -14.35 -13.71
CA ASN B 110 -14.76 -14.18 -14.11
C ASN B 110 -13.92 -14.27 -12.85
N ARG B 111 -13.39 -15.46 -12.58
CA ARG B 111 -12.58 -15.70 -11.39
C ARG B 111 -11.09 -15.77 -11.71
N ASN B 112 -10.67 -15.33 -12.88
CA ASN B 112 -9.26 -15.41 -13.22
C ASN B 112 -8.39 -14.62 -12.27
N ALA B 113 -7.20 -15.14 -11.99
CA ALA B 113 -6.27 -14.45 -11.10
C ALA B 113 -4.90 -14.92 -11.44
N TYR B 114 -3.89 -14.30 -10.85
CA TYR B 114 -2.52 -14.71 -11.09
C TYR B 114 -1.62 -14.23 -9.98
N PHE B 115 -0.56 -14.99 -9.74
CA PHE B 115 0.43 -14.64 -8.74
C PHE B 115 1.63 -14.12 -9.51
N LYS B 116 2.29 -13.11 -8.97
CA LYS B 116 3.45 -12.56 -9.62
C LYS B 116 4.55 -12.28 -8.59
N THR B 117 5.80 -12.46 -9.01
CA THR B 117 6.96 -12.21 -8.16
C THR B 117 7.98 -11.37 -8.96
N VAL B 118 8.53 -10.33 -8.34
CA VAL B 118 9.54 -9.55 -9.03
C VAL B 118 10.79 -9.49 -8.14
N ILE B 119 11.93 -9.90 -8.70
CA ILE B 119 13.18 -9.86 -7.97
C ILE B 119 13.95 -8.64 -8.44
N GLY B 120 14.52 -7.93 -7.49
CA GLY B 120 15.31 -6.75 -7.81
C GLY B 120 16.77 -7.00 -7.45
N TYR B 121 17.65 -6.88 -8.43
CA TYR B 121 19.07 -7.07 -8.19
C TYR B 121 19.70 -5.69 -8.45
N CYS B 122 20.71 -5.35 -7.66
CA CYS B 122 21.40 -4.08 -7.83
C CYS B 122 22.88 -4.25 -7.49
N ASP B 123 23.67 -3.67 -8.39
CA ASP B 123 25.12 -3.64 -8.35
C ASP B 123 25.51 -2.20 -8.44
N GLU B 124 26.79 -2.01 -8.68
CA GLU B 124 27.37 -0.69 -8.88
C GLU B 124 26.93 -0.25 -10.27
N ASN B 125 26.35 -1.17 -11.03
CA ASN B 125 25.90 -0.86 -12.39
C ASN B 125 24.42 -0.48 -12.46
N GLY B 126 23.70 -0.70 -11.35
CA GLY B 126 22.29 -0.37 -11.30
C GLY B 126 21.40 -1.59 -11.09
N VAL B 127 20.11 -1.37 -11.27
CA VAL B 127 19.12 -2.43 -11.07
C VAL B 127 18.85 -3.26 -12.31
N ARG B 128 18.30 -4.44 -12.07
CA ARG B 128 17.89 -5.37 -13.10
C ARG B 128 16.74 -6.10 -12.42
N LEU B 129 15.63 -6.29 -13.12
CA LEU B 129 14.46 -6.97 -12.54
C LEU B 129 14.20 -8.30 -13.20
N PHE B 130 13.73 -9.26 -12.40
CA PHE B 130 13.44 -10.60 -12.89
C PHE B 130 12.06 -10.98 -12.38
N LYS B 131 11.22 -11.45 -13.29
CA LYS B 131 9.85 -11.78 -12.97
C LYS B 131 9.44 -13.22 -13.21
N GLY B 132 8.36 -13.59 -12.54
CA GLY B 132 7.79 -14.91 -12.65
C GLY B 132 6.31 -14.71 -12.43
N ILE B 133 5.50 -15.48 -13.15
CA ILE B 133 4.05 -15.37 -13.04
C ILE B 133 3.37 -16.71 -13.16
N VAL B 134 2.33 -16.92 -12.35
CA VAL B 134 1.55 -18.14 -12.45
C VAL B 134 0.07 -17.76 -12.55
N LYS B 135 -0.55 -18.07 -13.68
CA LYS B 135 -1.97 -17.76 -13.88
C LYS B 135 -2.87 -18.87 -13.32
N GLY B 136 -4.12 -18.52 -12.98
CA GLY B 136 -5.03 -19.52 -12.44
C GLY B 136 -6.40 -18.91 -12.22
N ARG B 137 -7.13 -19.41 -11.23
CA ARG B 137 -8.48 -18.88 -10.93
C ARG B 137 -8.77 -19.02 -9.43
N VAL B 138 -9.73 -18.25 -8.94
CA VAL B 138 -10.06 -18.30 -7.52
C VAL B 138 -11.17 -19.31 -7.25
N SER B 139 -10.90 -20.27 -6.37
CA SER B 139 -11.92 -21.27 -6.04
C SER B 139 -13.11 -20.54 -5.45
N GLU B 140 -14.24 -21.24 -5.34
CA GLU B 140 -15.44 -20.66 -4.77
C GLU B 140 -15.40 -20.77 -3.25
N GLU B 141 -14.40 -21.49 -2.71
CA GLU B 141 -14.27 -21.68 -1.28
C GLU B 141 -12.85 -22.06 -0.86
N ILE B 142 -12.57 -21.96 0.44
CA ILE B 142 -11.26 -22.32 0.99
C ILE B 142 -11.10 -23.84 0.83
N ARG B 143 -9.91 -24.27 0.39
CA ARG B 143 -9.60 -25.70 0.24
C ARG B 143 -8.14 -25.84 0.58
N SER B 144 -7.84 -26.67 1.57
CA SER B 144 -6.46 -26.84 2.01
C SER B 144 -6.11 -28.20 2.65
N LYS B 145 -4.84 -28.58 2.47
CA LYS B 145 -4.26 -29.81 3.02
C LYS B 145 -3.10 -29.39 3.90
N GLY B 146 -3.02 -28.08 4.18
CA GLY B 146 -1.96 -27.58 5.03
C GLY B 146 -0.79 -26.95 4.30
N TYR B 147 -0.76 -27.02 2.97
CA TYR B 147 0.35 -26.44 2.23
C TYR B 147 0.14 -24.95 1.91
N GLY B 148 1.25 -24.21 1.85
CA GLY B 148 1.20 -22.80 1.52
C GLY B 148 0.62 -21.89 2.60
N PHE B 149 0.42 -20.63 2.24
CA PHE B 149 -0.11 -19.65 3.16
C PHE B 149 -1.00 -18.66 2.39
N ALA B 150 -1.62 -17.77 3.15
CA ALA B 150 -2.45 -16.71 2.60
C ALA B 150 -3.47 -17.13 1.54
N TYR B 151 -3.33 -16.59 0.34
CA TYR B 151 -4.30 -16.88 -0.71
C TYR B 151 -4.11 -18.26 -1.37
N ASP B 152 -3.09 -18.99 -0.95
CA ASP B 152 -2.86 -20.32 -1.55
C ASP B 152 -4.08 -21.20 -1.44
N SER B 153 -4.85 -21.03 -0.37
CA SER B 153 -6.03 -21.85 -0.14
C SER B 153 -7.24 -21.52 -1.01
N ILE B 154 -7.13 -20.48 -1.86
CA ILE B 154 -8.22 -20.13 -2.76
C ILE B 154 -7.75 -19.98 -4.22
N PHE B 155 -6.49 -20.33 -4.48
CA PHE B 155 -5.93 -20.24 -5.83
C PHE B 155 -5.66 -21.57 -6.53
N ILE B 156 -6.37 -21.83 -7.62
CA ILE B 156 -6.19 -23.06 -8.38
C ILE B 156 -5.33 -22.71 -9.58
N PRO B 157 -4.08 -23.19 -9.59
CA PRO B 157 -3.22 -22.87 -10.72
C PRO B 157 -3.50 -23.56 -12.04
N GLU B 158 -3.04 -22.92 -13.10
CA GLU B 158 -3.14 -23.40 -14.46
C GLU B 158 -4.27 -24.39 -14.74
N GLU B 159 -3.96 -25.64 -15.04
CA GLU B 159 -5.05 -26.56 -15.32
C GLU B 159 -5.34 -27.58 -14.22
N GLU B 160 -4.94 -27.23 -13.00
CA GLU B 160 -5.13 -28.07 -11.83
C GLU B 160 -6.58 -28.03 -11.37
N GLU B 161 -6.91 -28.89 -10.41
CA GLU B 161 -8.25 -28.95 -9.84
C GLU B 161 -8.10 -28.54 -8.39
N ARG B 162 -6.88 -28.70 -7.91
CA ARG B 162 -6.52 -28.39 -6.53
C ARG B 162 -5.98 -26.99 -6.40
N THR B 163 -6.12 -26.42 -5.21
CA THR B 163 -5.62 -25.09 -4.94
C THR B 163 -4.16 -25.25 -4.52
N PHE B 164 -3.40 -24.15 -4.46
CA PHE B 164 -1.99 -24.21 -4.05
C PHE B 164 -1.87 -24.88 -2.67
N ALA B 165 -2.85 -24.62 -1.80
CA ALA B 165 -2.84 -25.17 -0.44
C ALA B 165 -3.08 -26.68 -0.37
N GLU B 166 -3.54 -27.26 -1.48
CA GLU B 166 -3.80 -28.70 -1.53
C GLU B 166 -2.68 -29.47 -2.22
N MET B 167 -1.62 -28.75 -2.63
CA MET B 167 -0.51 -29.37 -3.34
C MET B 167 0.78 -29.20 -2.54
N THR B 168 1.67 -30.20 -2.64
CA THR B 168 2.96 -30.18 -1.94
C THR B 168 3.87 -29.25 -2.73
N THR B 169 5.00 -28.86 -2.14
CA THR B 169 5.95 -27.99 -2.82
C THR B 169 6.46 -28.67 -4.09
N GLU B 170 6.67 -29.98 -3.99
CA GLU B 170 7.17 -30.75 -5.10
C GLU B 170 6.14 -30.76 -6.23
N GLU B 171 4.85 -30.82 -5.89
CA GLU B 171 3.79 -30.80 -6.89
C GLU B 171 3.68 -29.40 -7.50
N LYS B 172 4.28 -28.41 -6.86
CA LYS B 172 4.22 -27.04 -7.37
C LYS B 172 5.57 -26.61 -7.93
N SER B 173 6.42 -27.58 -8.18
CA SER B 173 7.76 -27.34 -8.69
C SER B 173 7.82 -26.47 -9.94
N GLN B 174 6.96 -26.78 -10.91
CA GLN B 174 6.89 -26.06 -12.16
C GLN B 174 5.83 -24.95 -12.19
N ILE B 175 5.12 -24.75 -11.08
CA ILE B 175 4.12 -23.69 -11.01
C ILE B 175 4.35 -22.79 -9.80
N SER B 176 5.57 -22.28 -9.68
CA SER B 176 5.90 -21.37 -8.59
C SER B 176 6.42 -20.07 -9.20
N HIS B 177 5.62 -19.01 -9.10
CA HIS B 177 5.98 -17.69 -9.59
C HIS B 177 7.32 -17.23 -9.02
N ARG B 178 7.63 -17.67 -7.81
CA ARG B 178 8.89 -17.28 -7.18
C ARG B 178 10.09 -17.94 -7.85
N LYS B 179 9.93 -19.21 -8.24
CA LYS B 179 10.99 -19.98 -8.87
C LYS B 179 11.19 -19.58 -10.32
N LYS B 180 10.09 -19.25 -10.99
CA LYS B 180 10.17 -18.78 -12.36
C LYS B 180 10.99 -17.48 -12.34
N ALA B 181 10.77 -16.65 -11.32
CA ALA B 181 11.51 -15.39 -11.19
C ALA B 181 13.00 -15.67 -10.99
N PHE B 182 13.31 -16.56 -10.07
CA PHE B 182 14.68 -16.94 -9.81
C PHE B 182 15.34 -17.65 -10.99
N GLU B 183 14.55 -18.32 -11.82
CA GLU B 183 15.07 -19.00 -13.00
C GLU B 183 15.45 -17.91 -14.01
N GLU B 184 14.77 -16.78 -13.99
CA GLU B 184 15.11 -15.68 -14.88
C GLU B 184 16.43 -15.08 -14.38
N PHE B 185 16.57 -15.00 -13.06
CA PHE B 185 17.77 -14.43 -12.43
C PHE B 185 18.98 -15.36 -12.66
N LYS B 186 18.71 -16.66 -12.71
CA LYS B 186 19.76 -17.66 -12.96
C LYS B 186 20.41 -17.49 -14.34
N LYS B 187 19.57 -17.27 -15.34
CA LYS B 187 20.04 -17.09 -16.71
C LYS B 187 20.96 -15.87 -16.78
N PHE B 188 20.63 -14.86 -15.98
CA PHE B 188 21.36 -13.61 -15.92
C PHE B 188 22.72 -13.87 -15.29
N LEU B 189 22.76 -14.75 -14.30
CA LEU B 189 24.01 -15.07 -13.62
C LEU B 189 24.90 -15.96 -14.50
N LEU B 190 24.30 -16.93 -15.16
CA LEU B 190 25.05 -17.83 -16.03
C LEU B 190 25.74 -17.09 -17.18
N ASP B 191 25.25 -15.89 -17.48
CA ASP B 191 25.82 -15.06 -18.55
C ASP B 191 26.90 -14.17 -18.01
N ARG B 192 26.87 -13.95 -16.70
CA ARG B 192 27.84 -13.08 -16.04
C ARG B 192 29.03 -13.82 -15.44
N ILE B 193 29.09 -15.13 -15.67
CA ILE B 193 30.21 -15.93 -15.16
C ILE B 193 30.45 -17.17 -16.04
#